data_5TVN
#
_entry.id   5TVN
#
_cell.length_a   59.195
_cell.length_b   119.177
_cell.length_c   170.990
_cell.angle_alpha   90.000
_cell.angle_beta   90.000
_cell.angle_gamma   90.000
#
_symmetry.space_group_name_H-M   'C 2 2 21'
#
loop_
_entity.id
_entity.type
_entity.pdbx_description
1 polymer 'Chimera protein of human 5-hydroxytryptamine receptor 2B and E. Coli soluble cytochrome b562'
2 non-polymer (8alpha)-N,N-diethyl-6-methyl-9,10-didehydroergoline-8-carboxamide
3 non-polymer CHOLESTEROL
4 non-polymer '(2R)-2,3-dihydroxypropyl (9Z)-octadec-9-enoate'
5 non-polymer DI(HYDROXYETHYL)ETHER
6 non-polymer 'PHOSPHATE ION'
7 water water
#
_entity_poly.entity_id   1
_entity_poly.type   'polypeptide(L)'
_entity_poly.pdbx_seq_one_letter_code
;EEMKQIVEEQGNKLHWAALLILMVIIPTIGGNTLVILAVSLEKKLQYATNYFLMSLAVADLLVGLFVMPIALLTIMFEAM
WPLPLVLCPAWLFLDVLFSTASIWHLCAISVDRYIAIKKPIQANQYNSRATAFIKITVVWLISIGIAIPVPIKGIETDVD
NPNNITCVLTKERFGDFMLFGSLAAFFTPLAIMIVTYFLTIHALQKKAADLEDNWETLNDNLKVIEKADNAAQVKDALTK
MRAAALDAQKATPPKLEDKSPDSPEMKDFRHGFDILVGQIDDALKLANEGKVKEAQAAAEQLKTTRNAYIQKYLVQTISN
EQRASKVLGIVFFLFLLMWCPFFITNITLVLCDSCNQTTLQMLLEIFVWIGYVSSGVNPLVYTLFNKTFRDAFGRYITCN
YR
;
_entity_poly.pdbx_strand_id   A
#
loop_
_chem_comp.id
_chem_comp.type
_chem_comp.name
_chem_comp.formula
7LD non-polymer (8alpha)-N,N-diethyl-6-methyl-9,10-didehydroergoline-8-carboxamide 'C20 H25 N3 O'
CLR non-polymer CHOLESTEROL 'C27 H46 O'
OLC non-polymer '(2R)-2,3-dihydroxypropyl (9Z)-octadec-9-enoate' 'C21 H40 O4'
PEG non-polymer DI(HYDROXYETHYL)ETHER 'C4 H10 O3'
PO4 non-polymer 'PHOSPHATE ION' 'O4 P -3'
#
# COMPACT_ATOMS: atom_id res chain seq x y z
N GLU A 1 52.56 -10.06 15.13
CA GLU A 1 52.85 -11.07 16.14
C GLU A 1 52.73 -12.47 15.55
N GLU A 2 53.05 -13.48 16.36
CA GLU A 2 53.03 -14.86 15.90
C GLU A 2 52.12 -15.73 16.77
N MET A 3 50.95 -16.07 16.24
CA MET A 3 50.01 -16.95 16.92
C MET A 3 49.63 -18.12 16.02
N LYS A 4 50.20 -19.29 16.30
CA LYS A 4 49.97 -20.47 15.47
C LYS A 4 48.63 -21.12 15.76
N GLN A 5 48.00 -20.73 16.87
CA GLN A 5 46.68 -21.23 17.22
C GLN A 5 45.61 -20.45 16.49
N ILE A 6 46.03 -19.40 15.78
CA ILE A 6 45.10 -18.54 15.07
C ILE A 6 44.65 -19.16 13.75
N VAL A 7 44.00 -20.32 13.84
CA VAL A 7 43.47 -20.97 12.66
C VAL A 7 42.09 -20.41 12.34
N GLU A 8 42.01 -19.09 12.21
CA GLU A 8 40.76 -18.42 11.89
C GLU A 8 40.51 -18.45 10.40
N GLU A 9 40.35 -19.66 9.87
CA GLU A 9 40.03 -19.85 8.46
C GLU A 9 38.53 -20.04 8.32
N GLN A 10 37.88 -19.11 7.64
CA GLN A 10 36.42 -19.14 7.49
C GLN A 10 35.96 -20.42 6.82
N GLY A 11 35.08 -21.14 7.50
CA GLY A 11 34.55 -22.39 6.97
C GLY A 11 33.58 -22.17 5.83
N ASN A 12 33.19 -23.27 5.19
CA ASN A 12 32.29 -23.21 4.05
C ASN A 12 30.87 -22.80 4.46
N LYS A 13 30.36 -21.76 3.84
CA LYS A 13 29.02 -21.27 4.15
C LYS A 13 28.07 -21.45 2.98
N LEU A 14 28.21 -22.57 2.28
CA LEU A 14 27.39 -22.87 1.12
C LEU A 14 25.96 -23.23 1.53
N HIS A 15 25.80 -23.85 2.69
CA HIS A 15 24.47 -24.27 3.14
C HIS A 15 23.56 -23.07 3.45
N TRP A 16 24.14 -21.94 3.83
CA TRP A 16 23.34 -20.74 4.08
C TRP A 16 22.92 -20.12 2.76
N ALA A 17 23.80 -20.21 1.76
CA ALA A 17 23.51 -19.67 0.45
C ALA A 17 22.40 -20.48 -0.23
N ALA A 18 22.42 -21.79 -0.01
CA ALA A 18 21.39 -22.66 -0.56
C ALA A 18 20.04 -22.37 0.07
N LEU A 19 20.03 -22.04 1.36
CA LEU A 19 18.79 -21.78 2.07
C LEU A 19 18.19 -20.44 1.68
N LEU A 20 19.03 -19.48 1.32
CA LEU A 20 18.55 -18.17 0.87
C LEU A 20 17.98 -18.26 -0.55
N ILE A 21 18.54 -19.15 -1.35
CA ILE A 21 18.00 -19.43 -2.66
C ILE A 21 16.61 -20.04 -2.52
N LEU A 22 16.50 -21.08 -1.71
CA LEU A 22 15.25 -21.80 -1.56
C LEU A 22 14.17 -20.96 -0.87
N MET A 23 14.53 -20.32 0.23
CA MET A 23 13.54 -19.64 1.06
C MET A 23 13.35 -18.15 0.75
N VAL A 24 14.31 -17.53 0.07
CA VAL A 24 14.20 -16.09 -0.17
C VAL A 24 14.24 -15.69 -1.65
N ILE A 25 15.22 -16.19 -2.39
CA ILE A 25 15.38 -15.74 -3.78
C ILE A 25 14.27 -16.26 -4.69
N ILE A 26 13.95 -17.54 -4.58
CA ILE A 26 12.88 -18.11 -5.39
C ILE A 26 11.48 -17.55 -5.02
N PRO A 27 11.15 -17.48 -3.70
CA PRO A 27 9.84 -16.88 -3.40
C PRO A 27 9.71 -15.43 -3.87
N THR A 28 10.82 -14.69 -3.87
CA THR A 28 10.81 -13.30 -4.34
C THR A 28 10.55 -13.21 -5.84
N ILE A 29 11.28 -13.99 -6.62
CA ILE A 29 11.15 -13.96 -8.07
C ILE A 29 9.82 -14.56 -8.53
N GLY A 30 9.45 -15.68 -7.92
CA GLY A 30 8.21 -16.34 -8.26
C GLY A 30 6.98 -15.53 -7.88
N GLY A 31 7.01 -14.94 -6.69
CA GLY A 31 5.87 -14.22 -6.17
C GLY A 31 5.54 -12.96 -6.93
N ASN A 32 6.57 -12.27 -7.41
CA ASN A 32 6.38 -11.02 -8.13
C ASN A 32 6.10 -11.24 -9.60
N THR A 33 6.38 -12.43 -10.10
CA THR A 33 6.00 -12.79 -11.44
C THR A 33 4.48 -12.97 -11.49
N LEU A 34 3.94 -13.64 -10.48
CA LEU A 34 2.51 -13.88 -10.37
C LEU A 34 1.71 -12.57 -10.37
N VAL A 35 2.16 -11.62 -9.56
CA VAL A 35 1.51 -10.32 -9.45
C VAL A 35 1.60 -9.56 -10.78
N ILE A 36 2.70 -9.74 -11.49
CA ILE A 36 2.90 -9.06 -12.76
C ILE A 36 2.04 -9.69 -13.85
N LEU A 37 2.08 -11.02 -13.93
CA LEU A 37 1.25 -11.75 -14.89
C LEU A 37 -0.23 -11.44 -14.71
N ALA A 38 -0.67 -11.37 -13.45
CA ALA A 38 -2.06 -11.11 -13.12
C ALA A 38 -2.54 -9.81 -13.73
N VAL A 39 -1.88 -8.70 -13.35
CA VAL A 39 -2.23 -7.39 -13.88
C VAL A 39 -2.06 -7.34 -15.40
N SER A 40 -1.11 -8.14 -15.91
CA SER A 40 -0.80 -8.15 -17.33
C SER A 40 -1.94 -8.68 -18.19
N LEU A 41 -2.32 -9.93 -17.95
CA LEU A 41 -3.25 -10.61 -18.87
C LEU A 41 -4.69 -10.69 -18.34
N GLU A 42 -4.87 -10.80 -17.03
CA GLU A 42 -6.21 -10.82 -16.46
C GLU A 42 -6.85 -9.45 -16.65
N LYS A 43 -7.74 -9.35 -17.64
CA LYS A 43 -8.31 -8.07 -18.07
C LYS A 43 -9.14 -7.38 -16.99
N LYS A 44 -9.63 -8.15 -16.02
CA LYS A 44 -10.46 -7.59 -14.97
C LYS A 44 -9.63 -6.90 -13.88
N LEU A 45 -8.31 -7.04 -13.94
CA LEU A 45 -7.44 -6.44 -12.93
C LEU A 45 -6.74 -5.18 -13.42
N GLN A 46 -7.07 -4.74 -14.63
CA GLN A 46 -6.37 -3.62 -15.24
C GLN A 46 -7.02 -2.25 -14.95
N TYR A 47 -6.56 -1.63 -13.88
CA TYR A 47 -6.97 -0.26 -13.56
C TYR A 47 -5.85 0.46 -12.80
N ALA A 48 -6.10 1.71 -12.42
CA ALA A 48 -5.06 2.61 -11.93
C ALA A 48 -4.30 2.07 -10.71
N THR A 49 -5.04 1.53 -9.76
CA THR A 49 -4.45 1.03 -8.51
C THR A 49 -3.36 -0.01 -8.77
N ASN A 50 -3.63 -0.93 -9.67
CA ASN A 50 -2.74 -2.06 -9.91
C ASN A 50 -1.51 -1.72 -10.74
N TYR A 51 -1.63 -0.73 -11.61
CA TYR A 51 -0.49 -0.28 -12.42
C TYR A 51 0.62 0.23 -11.51
N PHE A 52 0.22 0.92 -10.44
CA PHE A 52 1.16 1.35 -9.42
C PHE A 52 1.67 0.13 -8.66
N LEU A 53 0.74 -0.79 -8.37
CA LEU A 53 1.07 -2.01 -7.66
C LEU A 53 2.01 -2.90 -8.48
N MET A 54 1.77 -2.94 -9.80
CA MET A 54 2.63 -3.68 -10.70
C MET A 54 4.04 -3.12 -10.68
N SER A 55 4.15 -1.79 -10.72
CA SER A 55 5.43 -1.09 -10.63
C SER A 55 6.21 -1.56 -9.40
N LEU A 56 5.51 -1.76 -8.30
CA LEU A 56 6.12 -2.26 -7.08
C LEU A 56 6.60 -3.69 -7.28
N ALA A 57 5.78 -4.51 -7.91
CA ALA A 57 6.12 -5.90 -8.18
C ALA A 57 7.35 -5.99 -9.08
N VAL A 58 7.49 -5.03 -9.99
CA VAL A 58 8.65 -4.92 -10.85
C VAL A 58 9.91 -4.63 -10.03
N ALA A 59 9.81 -3.64 -9.16
CA ALA A 59 10.93 -3.24 -8.31
C ALA A 59 11.40 -4.40 -7.45
N ASP A 60 10.46 -5.15 -6.89
CA ASP A 60 10.80 -6.27 -6.02
C ASP A 60 11.32 -7.46 -6.82
N LEU A 61 10.84 -7.62 -8.04
CA LEU A 61 11.34 -8.66 -8.93
C LEU A 61 12.80 -8.39 -9.28
N LEU A 62 13.11 -7.11 -9.52
CA LEU A 62 14.47 -6.69 -9.86
C LEU A 62 15.41 -6.88 -8.67
N VAL A 63 14.88 -6.79 -7.45
CA VAL A 63 15.68 -7.07 -6.26
C VAL A 63 16.18 -8.50 -6.29
N GLY A 64 15.26 -9.44 -6.47
CA GLY A 64 15.60 -10.86 -6.47
C GLY A 64 16.35 -11.30 -7.69
N LEU A 65 16.43 -10.45 -8.71
CA LEU A 65 17.01 -10.83 -9.98
C LEU A 65 18.45 -10.32 -10.18
N PHE A 66 18.74 -9.15 -9.63
CA PHE A 66 20.05 -8.53 -9.84
C PHE A 66 20.76 -8.19 -8.54
N VAL A 67 20.00 -7.84 -7.51
CA VAL A 67 20.58 -7.50 -6.22
C VAL A 67 20.87 -8.76 -5.40
N MET A 68 19.83 -9.55 -5.15
CA MET A 68 19.93 -10.72 -4.28
C MET A 68 20.93 -11.81 -4.73
N PRO A 69 20.96 -12.15 -6.03
CA PRO A 69 21.90 -13.22 -6.39
C PRO A 69 23.38 -12.83 -6.23
N ILE A 70 23.72 -11.58 -6.53
CA ILE A 70 25.09 -11.10 -6.38
C ILE A 70 25.42 -10.90 -4.89
N ALA A 71 24.38 -10.77 -4.07
CA ALA A 71 24.55 -10.66 -2.63
C ALA A 71 24.98 -12.00 -2.02
N LEU A 72 24.78 -13.08 -2.78
CA LEU A 72 25.21 -14.40 -2.34
C LEU A 72 26.71 -14.54 -2.45
N LEU A 73 27.30 -13.78 -3.37
CA LEU A 73 28.74 -13.83 -3.58
C LEU A 73 29.45 -13.12 -2.43
N THR A 74 28.73 -12.24 -1.76
CA THR A 74 29.20 -11.62 -0.52
C THR A 74 29.39 -12.71 0.53
N ILE A 75 28.61 -13.77 0.39
CA ILE A 75 28.58 -14.87 1.35
C ILE A 75 29.51 -16.02 0.97
N MET A 76 29.38 -16.51 -0.27
CA MET A 76 30.17 -17.65 -0.74
C MET A 76 31.66 -17.36 -0.64
N PHE A 77 32.10 -16.31 -1.32
CA PHE A 77 33.48 -15.85 -1.25
C PHE A 77 33.59 -14.60 -0.38
N GLU A 78 33.81 -14.81 0.91
CA GLU A 78 33.66 -13.73 1.90
C GLU A 78 34.58 -12.54 1.65
N ALA A 79 35.83 -12.80 1.32
CA ALA A 79 36.83 -11.74 1.34
C ALA A 79 36.65 -10.70 0.25
N MET A 80 36.69 -11.13 -1.01
CA MET A 80 36.84 -10.19 -2.11
C MET A 80 35.69 -10.19 -3.12
N TRP A 81 35.77 -9.24 -4.05
CA TRP A 81 34.78 -9.05 -5.10
C TRP A 81 35.18 -9.81 -6.37
N PRO A 82 34.45 -10.88 -6.69
CA PRO A 82 34.78 -11.77 -7.81
C PRO A 82 34.54 -11.14 -9.18
N LEU A 83 33.43 -10.43 -9.31
CA LEU A 83 33.02 -9.80 -10.57
C LEU A 83 33.98 -8.67 -10.97
N PRO A 84 33.84 -8.15 -12.20
CA PRO A 84 34.59 -6.93 -12.58
C PRO A 84 34.39 -5.76 -11.60
N LEU A 85 35.27 -4.78 -11.71
CA LEU A 85 35.29 -3.67 -10.76
C LEU A 85 34.10 -2.71 -10.92
N VAL A 86 33.66 -2.52 -12.15
CA VAL A 86 32.57 -1.58 -12.43
C VAL A 86 31.21 -2.17 -12.05
N LEU A 87 31.18 -3.48 -11.85
CA LEU A 87 29.96 -4.14 -11.41
C LEU A 87 29.68 -3.84 -9.94
N CYS A 88 30.71 -3.45 -9.20
CA CYS A 88 30.57 -3.17 -7.78
C CYS A 88 29.72 -1.91 -7.51
N PRO A 89 30.03 -0.77 -8.16
CA PRO A 89 29.16 0.38 -7.92
C PRO A 89 27.78 0.19 -8.55
N ALA A 90 27.73 -0.53 -9.66
CA ALA A 90 26.47 -0.83 -10.31
C ALA A 90 25.56 -1.64 -9.39
N TRP A 91 26.12 -2.68 -8.76
CA TRP A 91 25.35 -3.53 -7.89
C TRP A 91 24.85 -2.79 -6.66
N LEU A 92 25.74 -2.06 -6.00
CA LEU A 92 25.38 -1.26 -4.84
C LEU A 92 24.30 -0.24 -5.18
N PHE A 93 24.41 0.37 -6.35
CA PHE A 93 23.42 1.34 -6.81
C PHE A 93 22.05 0.71 -6.98
N LEU A 94 22.01 -0.44 -7.66
CA LEU A 94 20.75 -1.15 -7.87
C LEU A 94 20.14 -1.60 -6.54
N ASP A 95 20.99 -1.93 -5.57
CA ASP A 95 20.51 -2.34 -4.27
C ASP A 95 19.74 -1.21 -3.59
N VAL A 96 20.39 -0.05 -3.48
CA VAL A 96 19.78 1.09 -2.80
C VAL A 96 18.55 1.58 -3.56
N LEU A 97 18.63 1.52 -4.88
CA LEU A 97 17.53 1.93 -5.73
C LEU A 97 16.27 1.09 -5.52
N PHE A 98 16.38 -0.21 -5.78
CA PHE A 98 15.22 -1.09 -5.74
C PHE A 98 14.67 -1.27 -4.32
N SER A 99 15.55 -1.24 -3.33
CA SER A 99 15.11 -1.37 -1.94
C SER A 99 14.33 -0.14 -1.50
N THR A 100 14.76 1.02 -1.95
CA THR A 100 14.13 2.28 -1.56
C THR A 100 12.79 2.44 -2.26
N ALA A 101 12.74 2.05 -3.53
CA ALA A 101 11.53 2.14 -4.33
C ALA A 101 10.43 1.29 -3.74
N SER A 102 10.79 0.15 -3.18
CA SER A 102 9.81 -0.75 -2.58
C SER A 102 9.18 -0.11 -1.34
N ILE A 103 10.01 0.53 -0.52
CA ILE A 103 9.54 1.17 0.70
C ILE A 103 8.67 2.39 0.41
N TRP A 104 9.07 3.16 -0.61
CA TRP A 104 8.34 4.35 -0.97
C TRP A 104 7.05 4.05 -1.73
N HIS A 105 7.01 2.92 -2.42
CA HIS A 105 5.79 2.49 -3.10
C HIS A 105 4.67 2.26 -2.08
N LEU A 106 5.01 1.63 -0.96
CA LEU A 106 4.04 1.34 0.09
C LEU A 106 3.58 2.61 0.78
N CYS A 107 4.49 3.56 0.91
CA CYS A 107 4.16 4.84 1.51
C CYS A 107 3.10 5.53 0.68
N ALA A 108 3.30 5.54 -0.64
CA ALA A 108 2.36 6.17 -1.56
C ALA A 108 1.02 5.46 -1.56
N ILE A 109 1.04 4.13 -1.58
CA ILE A 109 -0.18 3.33 -1.53
C ILE A 109 -1.00 3.65 -0.28
N SER A 110 -0.33 3.77 0.86
CA SER A 110 -0.98 4.14 2.10
C SER A 110 -1.70 5.48 1.98
N VAL A 111 -1.02 6.46 1.38
CA VAL A 111 -1.58 7.79 1.20
C VAL A 111 -2.80 7.74 0.28
N ASP A 112 -2.72 6.93 -0.76
CA ASP A 112 -3.82 6.78 -1.71
C ASP A 112 -5.07 6.21 -1.03
N ARG A 113 -4.88 5.22 -0.17
CA ARG A 113 -5.99 4.58 0.51
C ARG A 113 -6.65 5.57 1.45
N TYR A 114 -5.85 6.39 2.13
CA TYR A 114 -6.39 7.41 3.00
C TYR A 114 -7.17 8.47 2.20
N ILE A 115 -6.59 8.87 1.07
CA ILE A 115 -7.25 9.82 0.17
C ILE A 115 -8.56 9.24 -0.36
N ALA A 116 -8.55 7.95 -0.68
CA ALA A 116 -9.73 7.26 -1.17
C ALA A 116 -10.84 7.21 -0.11
N ILE A 117 -10.45 7.22 1.15
CA ILE A 117 -11.41 7.22 2.25
C ILE A 117 -11.97 8.62 2.48
N LYS A 118 -11.07 9.58 2.63
CA LYS A 118 -11.45 10.97 2.88
C LYS A 118 -12.28 11.54 1.74
N LYS A 119 -11.75 11.44 0.52
CA LYS A 119 -12.41 12.00 -0.65
C LYS A 119 -12.72 10.94 -1.69
N PRO A 120 -13.83 10.20 -1.50
CA PRO A 120 -14.24 9.18 -2.46
C PRO A 120 -14.73 9.80 -3.75
N ILE A 121 -15.09 11.08 -3.71
CA ILE A 121 -15.48 11.82 -4.90
C ILE A 121 -14.24 12.17 -5.73
N GLN A 122 -13.61 11.15 -6.27
CA GLN A 122 -12.45 11.37 -7.15
C GLN A 122 -12.51 10.38 -8.31
N ALA A 123 -13.63 10.40 -9.02
CA ALA A 123 -13.87 9.45 -10.09
C ALA A 123 -13.35 9.98 -11.43
N ASN A 124 -12.13 9.54 -11.77
CA ASN A 124 -11.45 9.87 -13.02
C ASN A 124 -11.12 11.35 -13.18
N GLN A 125 -11.58 12.17 -12.25
CA GLN A 125 -11.12 13.55 -12.17
C GLN A 125 -9.64 13.52 -11.82
N TYR A 126 -9.30 12.61 -10.90
CA TYR A 126 -7.93 12.24 -10.58
C TYR A 126 -8.00 10.76 -10.23
N ASN A 127 -6.89 10.20 -9.77
CA ASN A 127 -6.76 8.76 -9.57
C ASN A 127 -7.12 8.04 -10.88
N SER A 128 -6.56 8.53 -11.98
CA SER A 128 -6.81 7.97 -13.29
C SER A 128 -5.57 7.27 -13.80
N ARG A 129 -5.44 7.16 -15.12
CA ARG A 129 -4.24 6.57 -15.71
C ARG A 129 -3.09 7.57 -15.68
N ALA A 130 -3.41 8.84 -15.87
CA ALA A 130 -2.42 9.90 -15.80
C ALA A 130 -1.89 10.06 -14.39
N THR A 131 -2.79 10.05 -13.42
CA THR A 131 -2.37 10.16 -12.01
C THR A 131 -1.48 8.98 -11.64
N ALA A 132 -1.83 7.79 -12.13
CA ALA A 132 -1.05 6.58 -11.85
C ALA A 132 0.39 6.76 -12.31
N PHE A 133 0.56 7.24 -13.54
CA PHE A 133 1.88 7.38 -14.13
C PHE A 133 2.73 8.48 -13.47
N ILE A 134 2.07 9.46 -12.86
CA ILE A 134 2.81 10.56 -12.24
C ILE A 134 3.47 10.09 -10.93
N LYS A 135 2.70 9.40 -10.09
CA LYS A 135 3.23 8.90 -8.82
C LYS A 135 4.21 7.74 -9.01
N ILE A 136 4.05 6.97 -10.08
CA ILE A 136 5.04 5.97 -10.43
C ILE A 136 6.38 6.65 -10.73
N THR A 137 6.31 7.65 -11.60
CA THR A 137 7.48 8.40 -12.02
C THR A 137 8.18 9.05 -10.83
N VAL A 138 7.40 9.65 -9.94
CA VAL A 138 7.95 10.36 -8.78
C VAL A 138 8.68 9.44 -7.81
N VAL A 139 8.06 8.31 -7.50
CA VAL A 139 8.66 7.34 -6.57
C VAL A 139 10.02 6.88 -7.08
N TRP A 140 10.11 6.63 -8.38
CA TRP A 140 11.37 6.23 -8.98
C TRP A 140 12.39 7.36 -8.97
N LEU A 141 11.94 8.60 -9.18
CA LEU A 141 12.85 9.73 -9.13
C LEU A 141 13.38 9.93 -7.71
N ILE A 142 12.51 9.73 -6.73
CA ILE A 142 12.91 9.80 -5.33
C ILE A 142 13.95 8.74 -5.00
N SER A 143 13.68 7.49 -5.39
CA SER A 143 14.57 6.39 -5.10
C SER A 143 15.84 6.43 -5.95
N ILE A 144 15.78 7.10 -7.09
CA ILE A 144 16.97 7.27 -7.92
C ILE A 144 17.90 8.29 -7.27
N GLY A 145 17.31 9.38 -6.78
CA GLY A 145 18.08 10.41 -6.12
C GLY A 145 18.77 9.92 -4.87
N ILE A 146 18.05 9.14 -4.07
CA ILE A 146 18.59 8.61 -2.84
C ILE A 146 19.74 7.64 -3.11
N ALA A 147 19.63 6.87 -4.19
CA ALA A 147 20.64 5.85 -4.50
C ALA A 147 21.86 6.42 -5.22
N ILE A 148 21.73 7.61 -5.82
CA ILE A 148 22.76 8.15 -6.69
C ILE A 148 24.09 8.61 -6.02
N PRO A 149 24.12 8.85 -4.70
CA PRO A 149 25.45 9.14 -4.15
C PRO A 149 26.44 7.97 -4.27
N VAL A 150 25.97 6.74 -4.23
CA VAL A 150 26.84 5.56 -4.28
C VAL A 150 27.69 5.49 -5.57
N PRO A 151 27.07 5.57 -6.75
CA PRO A 151 27.93 5.45 -7.94
C PRO A 151 28.75 6.72 -8.23
N ILE A 152 28.21 7.87 -7.84
CA ILE A 152 28.90 9.14 -8.05
C ILE A 152 30.18 9.18 -7.22
N LYS A 153 30.12 8.60 -6.03
CA LYS A 153 31.27 8.58 -5.15
C LYS A 153 32.15 7.37 -5.48
N GLY A 154 31.55 6.18 -5.47
CA GLY A 154 32.27 4.97 -5.78
C GLY A 154 33.03 4.40 -4.60
N ILE A 155 33.62 3.23 -4.80
CA ILE A 155 34.44 2.61 -3.77
C ILE A 155 35.92 2.81 -4.11
N GLU A 156 36.70 3.28 -3.14
CA GLU A 156 38.10 3.63 -3.36
C GLU A 156 38.91 2.48 -3.94
N THR A 157 39.82 2.81 -4.84
CA THR A 157 40.68 1.81 -5.47
C THR A 157 42.10 1.89 -4.91
N ASN A 161 49.17 0.24 -7.30
CA ASN A 161 48.20 -0.43 -6.43
C ASN A 161 47.57 -1.63 -7.11
N PRO A 162 47.02 -2.56 -6.31
CA PRO A 162 46.31 -3.69 -6.90
C PRO A 162 44.87 -3.35 -7.31
N ASN A 163 44.43 -3.95 -8.40
CA ASN A 163 43.06 -3.81 -8.88
C ASN A 163 42.11 -4.72 -8.10
N ASN A 164 42.26 -4.72 -6.78
CA ASN A 164 41.42 -5.53 -5.91
C ASN A 164 40.56 -4.64 -5.01
N ILE A 165 39.26 -4.93 -4.98
CA ILE A 165 38.31 -4.08 -4.27
C ILE A 165 37.46 -4.90 -3.28
N THR A 166 37.00 -4.26 -2.22
CA THR A 166 36.05 -4.88 -1.31
C THR A 166 34.71 -4.12 -1.36
N CYS A 167 33.71 -4.76 -1.95
CA CYS A 167 32.43 -4.12 -2.21
C CYS A 167 31.61 -3.94 -0.93
N VAL A 168 31.80 -2.79 -0.27
CA VAL A 168 31.07 -2.50 0.96
C VAL A 168 31.01 -0.98 1.21
N LEU A 169 29.95 -0.55 1.88
CA LEU A 169 29.83 0.84 2.29
C LEU A 169 30.38 1.02 3.70
N THR A 170 31.60 1.57 3.80
CA THR A 170 32.23 1.76 5.10
C THR A 170 31.74 3.04 5.78
N LYS A 171 31.86 3.06 7.10
CA LYS A 171 31.49 4.21 7.92
C LYS A 171 32.35 5.42 7.56
N GLU A 172 33.60 5.16 7.19
CA GLU A 172 34.55 6.22 6.89
C GLU A 172 34.14 7.00 5.65
N ARG A 173 33.89 6.28 4.56
CA ARG A 173 33.64 6.92 3.28
C ARG A 173 32.18 7.33 3.07
N PHE A 174 31.26 6.54 3.61
CA PHE A 174 29.83 6.77 3.36
C PHE A 174 29.03 7.02 4.64
N GLY A 175 29.71 7.51 5.69
CA GLY A 175 29.06 7.81 6.96
C GLY A 175 27.85 8.73 6.83
N ASP A 176 28.01 9.79 6.05
CA ASP A 176 26.90 10.72 5.78
C ASP A 176 25.76 10.01 5.05
N PHE A 177 26.12 9.23 4.04
CA PHE A 177 25.13 8.54 3.24
C PHE A 177 24.43 7.44 4.02
N MET A 178 25.17 6.76 4.89
CA MET A 178 24.60 5.69 5.70
C MET A 178 23.60 6.25 6.71
N LEU A 179 23.81 7.50 7.12
CA LEU A 179 22.93 8.14 8.10
C LEU A 179 21.73 8.82 7.45
N PHE A 180 22.00 9.74 6.53
CA PHE A 180 20.94 10.53 5.90
C PHE A 180 20.26 9.78 4.76
N GLY A 181 20.93 8.73 4.27
CA GLY A 181 20.36 7.92 3.22
C GLY A 181 19.34 6.94 3.77
N SER A 182 19.45 6.64 5.06
CA SER A 182 18.49 5.76 5.72
C SER A 182 17.27 6.56 6.15
N LEU A 183 17.49 7.81 6.56
CA LEU A 183 16.40 8.69 6.95
C LEU A 183 15.46 8.94 5.77
N ALA A 184 16.03 9.19 4.60
CA ALA A 184 15.25 9.49 3.41
C ALA A 184 14.57 8.25 2.85
N ALA A 185 15.21 7.10 3.00
CA ALA A 185 14.73 5.89 2.36
C ALA A 185 13.79 5.07 3.23
N PHE A 186 13.91 5.21 4.55
CA PHE A 186 13.10 4.39 5.43
C PHE A 186 12.35 5.16 6.51
N PHE A 187 13.06 5.94 7.32
CA PHE A 187 12.43 6.58 8.47
C PHE A 187 11.48 7.70 8.07
N THR A 188 11.69 8.30 6.90
CA THR A 188 10.78 9.31 6.40
C THR A 188 9.49 8.66 5.87
N PRO A 189 9.60 7.63 5.00
CA PRO A 189 8.32 7.01 4.66
C PRO A 189 7.70 6.26 5.85
N LEU A 190 8.50 5.91 6.85
CA LEU A 190 7.97 5.30 8.06
C LEU A 190 7.16 6.33 8.86
N ALA A 191 7.70 7.54 9.00
CA ALA A 191 7.02 8.60 9.73
C ALA A 191 5.70 8.98 9.05
N ILE A 192 5.74 9.07 7.72
CA ILE A 192 4.55 9.39 6.95
C ILE A 192 3.47 8.34 7.15
N MET A 193 3.86 7.07 7.09
CA MET A 193 2.91 5.97 7.25
C MET A 193 2.36 5.88 8.68
N ILE A 194 3.12 6.39 9.64
CA ILE A 194 2.64 6.48 11.01
C ILE A 194 1.57 7.57 11.12
N VAL A 195 1.85 8.70 10.48
CA VAL A 195 0.94 9.83 10.44
C VAL A 195 -0.37 9.48 9.71
N THR A 196 -0.23 8.89 8.52
CA THR A 196 -1.42 8.52 7.73
C THR A 196 -2.27 7.48 8.47
N TYR A 197 -1.62 6.65 9.28
CA TYR A 197 -2.32 5.63 10.05
C TYR A 197 -3.35 6.23 11.00
N PHE A 198 -2.92 7.23 11.76
CA PHE A 198 -3.80 7.88 12.72
C PHE A 198 -4.82 8.77 12.01
N LEU A 199 -4.42 9.34 10.89
CA LEU A 199 -5.33 10.13 10.08
C LEU A 199 -6.47 9.25 9.55
N THR A 200 -6.14 8.00 9.21
CA THR A 200 -7.15 7.06 8.71
C THR A 200 -8.17 6.69 9.79
N ILE A 201 -7.69 6.50 11.02
CA ILE A 201 -8.58 6.22 12.14
C ILE A 201 -9.58 7.36 12.32
N HIS A 202 -9.07 8.58 12.26
CA HIS A 202 -9.92 9.76 12.39
C HIS A 202 -10.92 9.86 11.25
N ALA A 203 -10.45 9.54 10.04
CA ALA A 203 -11.31 9.58 8.86
C ALA A 203 -12.47 8.60 8.97
N LEU A 204 -12.18 7.37 9.40
CA LEU A 204 -13.19 6.33 9.51
C LEU A 204 -14.20 6.63 10.61
N GLN A 205 -13.72 7.17 11.73
CA GLN A 205 -14.59 7.53 12.84
C GLN A 205 -15.47 8.72 12.46
N LYS A 206 -14.89 9.66 11.71
CA LYS A 206 -15.64 10.83 11.26
C LYS A 206 -16.65 10.46 10.17
N LYS A 207 -16.35 9.40 9.44
CA LYS A 207 -17.23 8.95 8.36
C LYS A 207 -18.42 8.19 8.90
N ALA A 208 -18.14 7.30 9.85
CA ALA A 208 -19.18 6.52 10.50
C ALA A 208 -20.11 7.42 11.30
N ALA A 209 -19.54 8.49 11.84
CA ALA A 209 -20.31 9.47 12.61
C ALA A 209 -21.28 10.22 11.70
N ASP A 210 -20.78 10.66 10.55
CA ASP A 210 -21.59 11.42 9.60
C ASP A 210 -22.74 10.58 9.05
N LEU A 211 -22.44 9.32 8.75
CA LEU A 211 -23.46 8.40 8.25
C LEU A 211 -24.59 8.21 9.25
N GLU A 212 -24.23 8.07 10.52
CA GLU A 212 -25.22 7.91 11.58
C GLU A 212 -26.13 9.13 11.67
N ASP A 213 -25.54 10.31 11.46
CA ASP A 213 -26.30 11.55 11.45
C ASP A 213 -27.24 11.61 10.26
N ASN A 214 -26.74 11.18 9.10
CA ASN A 214 -27.57 11.12 7.89
C ASN A 214 -28.75 10.19 8.10
N TRP A 215 -28.49 9.05 8.74
CA TRP A 215 -29.51 8.06 9.02
C TRP A 215 -30.66 8.64 9.86
N GLU A 216 -30.33 9.20 11.01
CA GLU A 216 -31.37 9.73 11.90
C GLU A 216 -32.01 10.99 11.34
N THR A 217 -31.37 11.62 10.36
CA THR A 217 -31.96 12.76 9.68
C THR A 217 -33.13 12.28 8.80
N LEU A 218 -32.92 11.17 8.12
CA LEU A 218 -33.97 10.56 7.31
C LEU A 218 -35.17 10.16 8.16
N ASN A 219 -34.91 9.43 9.24
CA ASN A 219 -35.97 8.89 10.07
C ASN A 219 -36.74 9.96 10.83
N ASP A 220 -36.05 10.98 11.33
CA ASP A 220 -36.69 12.07 12.06
C ASP A 220 -37.67 12.82 11.16
N ASN A 221 -37.21 13.14 9.96
CA ASN A 221 -38.03 13.89 9.01
C ASN A 221 -39.23 13.07 8.52
N LEU A 222 -39.10 11.75 8.54
CA LEU A 222 -40.22 10.89 8.22
C LEU A 222 -41.36 11.09 9.22
N LYS A 223 -41.01 11.15 10.51
CA LYS A 223 -41.99 11.41 11.55
C LYS A 223 -42.52 12.82 11.45
N VAL A 224 -41.67 13.73 10.97
CA VAL A 224 -42.08 15.12 10.79
C VAL A 224 -43.15 15.19 9.71
N ILE A 225 -42.94 14.47 8.63
CA ILE A 225 -43.91 14.38 7.54
C ILE A 225 -45.20 13.71 8.00
N GLU A 226 -45.05 12.57 8.66
CA GLU A 226 -46.19 11.78 9.12
C GLU A 226 -47.07 12.53 10.11
N LYS A 227 -46.45 13.42 10.91
CA LYS A 227 -47.18 14.16 11.93
C LYS A 227 -47.39 15.62 11.54
N ALA A 228 -47.41 15.89 10.25
CA ALA A 228 -47.53 17.25 9.75
C ALA A 228 -48.96 17.60 9.33
N ASP A 229 -49.54 18.63 9.94
CA ASP A 229 -50.85 19.10 9.57
C ASP A 229 -50.75 20.11 8.42
N ASN A 230 -49.61 20.79 8.34
CA ASN A 230 -49.38 21.81 7.33
C ASN A 230 -48.68 21.27 6.08
N ALA A 231 -48.78 22.02 4.98
CA ALA A 231 -48.14 21.62 3.73
C ALA A 231 -46.67 22.04 3.67
N ALA A 232 -46.38 23.26 4.10
CA ALA A 232 -45.04 23.81 3.99
C ALA A 232 -43.99 22.98 4.75
N GLN A 233 -44.40 22.38 5.86
CA GLN A 233 -43.48 21.61 6.69
C GLN A 233 -43.29 20.19 6.15
N VAL A 234 -44.07 19.83 5.14
CA VAL A 234 -43.88 18.56 4.46
C VAL A 234 -42.83 18.72 3.37
N LYS A 235 -42.89 19.85 2.67
CA LYS A 235 -41.99 20.13 1.56
C LYS A 235 -40.52 20.19 1.99
N ASP A 236 -40.23 20.94 3.04
CA ASP A 236 -38.85 21.10 3.49
C ASP A 236 -38.36 19.87 4.27
N ALA A 237 -39.28 19.13 4.86
CA ALA A 237 -38.94 17.88 5.52
C ALA A 237 -38.48 16.85 4.49
N LEU A 238 -39.04 16.97 3.28
CA LEU A 238 -38.65 16.11 2.17
C LEU A 238 -37.29 16.53 1.61
N THR A 239 -37.06 17.84 1.51
CA THR A 239 -35.81 18.34 0.97
C THR A 239 -34.66 18.12 1.94
N LYS A 240 -34.99 18.05 3.23
CA LYS A 240 -33.98 17.70 4.22
C LYS A 240 -33.57 16.26 4.05
N MET A 241 -34.54 15.39 3.73
CA MET A 241 -34.25 13.99 3.45
C MET A 241 -33.43 13.86 2.18
N ARG A 242 -33.76 14.65 1.17
CA ARG A 242 -33.07 14.57 -0.12
C ARG A 242 -31.61 14.97 0.00
N ALA A 243 -31.32 15.91 0.88
CA ALA A 243 -29.96 16.39 1.07
C ALA A 243 -29.12 15.33 1.78
N ALA A 244 -29.71 14.70 2.79
CA ALA A 244 -29.03 13.68 3.57
C ALA A 244 -28.79 12.41 2.76
N ALA A 245 -29.77 12.04 1.94
CA ALA A 245 -29.64 10.86 1.08
C ALA A 245 -28.47 11.02 0.13
N LEU A 246 -28.37 12.19 -0.50
CA LEU A 246 -27.27 12.49 -1.41
C LEU A 246 -25.96 12.58 -0.64
N ASP A 247 -26.06 13.06 0.59
CA ASP A 247 -24.89 13.20 1.46
C ASP A 247 -24.32 11.83 1.81
N ALA A 248 -25.20 10.90 2.19
CA ALA A 248 -24.78 9.55 2.55
C ALA A 248 -24.29 8.76 1.35
N GLN A 249 -24.86 9.03 0.19
CA GLN A 249 -24.46 8.35 -1.04
C GLN A 249 -23.07 8.79 -1.49
N LYS A 250 -22.76 10.06 -1.23
CA LYS A 250 -21.50 10.65 -1.69
C LYS A 250 -20.32 10.26 -0.80
N ALA A 251 -20.57 9.43 0.20
CA ALA A 251 -19.52 8.94 1.09
C ALA A 251 -18.91 7.66 0.54
N THR A 252 -19.12 7.43 -0.75
CA THR A 252 -18.69 6.21 -1.41
C THR A 252 -18.69 6.45 -2.91
N PRO A 253 -17.67 5.96 -3.62
CA PRO A 253 -17.65 6.09 -5.08
C PRO A 253 -18.82 5.40 -5.74
N PRO A 254 -19.17 5.82 -6.97
CA PRO A 254 -20.19 5.12 -7.75
C PRO A 254 -19.83 3.64 -7.98
N LYS A 255 -20.80 2.87 -8.46
CA LYS A 255 -20.57 1.46 -8.71
C LYS A 255 -19.80 1.25 -10.02
N LEU A 256 -18.92 2.18 -10.33
CA LEU A 256 -17.97 2.01 -11.42
C LEU A 256 -17.04 0.87 -11.01
N GLU A 257 -16.81 0.78 -9.70
CA GLU A 257 -16.10 -0.34 -9.08
C GLU A 257 -14.73 -0.56 -9.71
N PRO A 264 -18.29 -7.13 -8.60
CA PRO A 264 -19.58 -6.47 -8.85
C PRO A 264 -20.57 -7.40 -9.54
N GLU A 265 -20.92 -8.51 -8.88
CA GLU A 265 -21.79 -9.51 -9.47
C GLU A 265 -23.13 -9.61 -8.76
N MET A 266 -23.21 -9.06 -7.54
CA MET A 266 -24.47 -9.09 -6.80
C MET A 266 -24.78 -7.76 -6.10
N LYS A 267 -25.79 -7.78 -5.25
CA LYS A 267 -26.55 -6.58 -4.85
C LYS A 267 -25.75 -5.30 -4.58
N ASP A 268 -26.33 -4.19 -5.04
CA ASP A 268 -25.71 -2.89 -5.00
C ASP A 268 -26.57 -1.93 -4.19
N PHE A 269 -26.30 -1.84 -2.89
CA PHE A 269 -27.13 -1.08 -1.97
C PHE A 269 -27.05 0.43 -2.16
N ARG A 270 -25.99 0.88 -2.82
CA ARG A 270 -25.81 2.30 -3.06
C ARG A 270 -26.87 2.83 -4.02
N HIS A 271 -27.38 1.94 -4.87
CA HIS A 271 -28.41 2.29 -5.84
C HIS A 271 -29.72 2.69 -5.14
N GLY A 272 -29.88 2.25 -3.90
CA GLY A 272 -31.04 2.60 -3.10
C GLY A 272 -31.24 4.09 -2.94
N PHE A 273 -30.15 4.84 -2.89
CA PHE A 273 -30.23 6.29 -2.79
C PHE A 273 -30.78 6.90 -4.06
N ASP A 274 -30.44 6.32 -5.21
CA ASP A 274 -30.98 6.78 -6.49
C ASP A 274 -32.49 6.63 -6.50
N ILE A 275 -32.95 5.48 -6.01
CA ILE A 275 -34.38 5.19 -5.93
C ILE A 275 -35.06 6.09 -4.91
N LEU A 276 -34.46 6.22 -3.74
CA LEU A 276 -35.04 7.01 -2.65
C LEU A 276 -35.26 8.46 -3.08
N VAL A 277 -34.24 9.08 -3.65
CA VAL A 277 -34.33 10.47 -4.09
C VAL A 277 -35.41 10.62 -5.18
N GLY A 278 -35.49 9.65 -6.08
CA GLY A 278 -36.51 9.66 -7.12
C GLY A 278 -37.90 9.63 -6.53
N GLN A 279 -38.07 8.87 -5.45
CA GLN A 279 -39.33 8.82 -4.73
C GLN A 279 -39.60 10.13 -4.01
N ILE A 280 -38.54 10.72 -3.46
CA ILE A 280 -38.65 11.99 -2.76
C ILE A 280 -39.14 13.07 -3.72
N ASP A 281 -38.47 13.16 -4.86
CA ASP A 281 -38.84 14.13 -5.90
C ASP A 281 -40.31 13.99 -6.31
N ASP A 282 -40.76 12.75 -6.52
CA ASP A 282 -42.15 12.50 -6.87
C ASP A 282 -43.08 12.91 -5.74
N ALA A 283 -42.70 12.58 -4.51
CA ALA A 283 -43.48 12.98 -3.34
C ALA A 283 -43.39 14.49 -3.14
N LEU A 284 -42.30 15.08 -3.61
CA LEU A 284 -42.08 16.51 -3.50
C LEU A 284 -42.94 17.26 -4.52
N LYS A 285 -43.27 16.58 -5.61
CA LYS A 285 -44.17 17.15 -6.61
C LYS A 285 -45.58 17.26 -6.06
N LEU A 286 -45.98 16.27 -5.27
CA LEU A 286 -47.28 16.27 -4.62
C LEU A 286 -47.37 17.40 -3.60
N ALA A 287 -46.28 17.58 -2.87
CA ALA A 287 -46.22 18.61 -1.84
C ALA A 287 -46.34 20.00 -2.44
N ASN A 288 -45.81 20.18 -3.64
CA ASN A 288 -45.89 21.46 -4.33
C ASN A 288 -47.30 21.75 -4.80
N GLU A 289 -47.93 20.72 -5.36
CA GLU A 289 -49.30 20.86 -5.84
C GLU A 289 -50.24 21.13 -4.68
N GLY A 290 -49.90 20.61 -3.51
CA GLY A 290 -50.68 20.85 -2.33
C GLY A 290 -51.40 19.62 -1.80
N LYS A 291 -51.27 18.50 -2.50
CA LYS A 291 -51.94 17.26 -2.09
C LYS A 291 -51.19 16.64 -0.92
N VAL A 292 -51.41 17.18 0.26
CA VAL A 292 -50.66 16.79 1.46
C VAL A 292 -50.94 15.34 1.89
N LYS A 293 -52.22 15.00 2.02
CA LYS A 293 -52.60 13.65 2.43
C LYS A 293 -51.99 12.63 1.48
N GLU A 294 -52.00 12.96 0.20
CA GLU A 294 -51.48 12.08 -0.83
C GLU A 294 -49.97 11.97 -0.76
N ALA A 295 -49.32 13.04 -0.33
CA ALA A 295 -47.85 13.09 -0.23
C ALA A 295 -47.33 12.28 0.96
N GLN A 296 -48.04 12.37 2.08
CA GLN A 296 -47.71 11.64 3.29
C GLN A 296 -47.67 10.13 3.05
N ALA A 297 -48.59 9.65 2.22
CA ALA A 297 -48.66 8.23 1.90
C ALA A 297 -47.45 7.81 1.10
N ALA A 298 -46.99 8.71 0.23
CA ALA A 298 -45.81 8.45 -0.58
C ALA A 298 -44.57 8.38 0.29
N ALA A 299 -44.53 9.22 1.32
CA ALA A 299 -43.41 9.28 2.24
C ALA A 299 -43.32 8.01 3.08
N GLU A 300 -44.46 7.37 3.32
CA GLU A 300 -44.49 6.12 4.05
C GLU A 300 -43.89 5.01 3.20
N GLN A 301 -43.91 5.21 1.88
CA GLN A 301 -43.36 4.23 0.95
C GLN A 301 -41.85 4.36 0.86
N LEU A 302 -41.32 5.50 1.29
CA LEU A 302 -39.87 5.71 1.36
C LEU A 302 -39.23 4.72 2.31
N LYS A 303 -40.00 4.29 3.30
CA LYS A 303 -39.49 3.38 4.32
C LYS A 303 -39.11 2.02 3.74
N THR A 304 -39.84 1.59 2.71
CA THR A 304 -39.54 0.32 2.06
C THR A 304 -38.15 0.36 1.44
N THR A 305 -37.83 1.49 0.79
CA THR A 305 -36.49 1.71 0.25
C THR A 305 -35.45 1.74 1.36
N ARG A 306 -35.79 2.42 2.46
CA ARG A 306 -34.91 2.50 3.62
C ARG A 306 -34.62 1.14 4.23
N ASN A 307 -35.65 0.30 4.34
CA ASN A 307 -35.52 -1.02 4.93
C ASN A 307 -34.73 -1.97 4.04
N ALA A 308 -34.82 -1.78 2.74
CA ALA A 308 -34.25 -2.73 1.78
C ALA A 308 -32.79 -2.43 1.46
N TYR A 309 -32.51 -1.19 1.09
CA TYR A 309 -31.19 -0.82 0.60
C TYR A 309 -30.35 -0.07 1.61
N ILE A 310 -30.90 1.01 2.16
CA ILE A 310 -30.13 1.97 2.94
C ILE A 310 -29.55 1.40 4.25
N GLN A 311 -30.36 0.62 4.96
CA GLN A 311 -29.93 0.06 6.24
C GLN A 311 -28.74 -0.87 6.05
N LYS A 312 -28.75 -1.65 4.98
CA LYS A 312 -27.67 -2.58 4.71
C LYS A 312 -26.44 -1.86 4.16
N TYR A 313 -26.68 -0.74 3.46
CA TYR A 313 -25.60 0.05 2.89
C TYR A 313 -24.72 0.67 3.95
N LEU A 314 -25.33 1.22 4.99
CA LEU A 314 -24.61 1.91 6.06
C LEU A 314 -23.64 0.98 6.78
N VAL A 315 -24.08 -0.22 7.10
CA VAL A 315 -23.22 -1.19 7.77
C VAL A 315 -22.23 -1.78 6.78
N GLN A 316 -22.58 -1.76 5.51
CA GLN A 316 -21.70 -2.27 4.46
C GLN A 316 -20.48 -1.37 4.30
N THR A 317 -20.75 -0.06 4.17
CA THR A 317 -19.69 0.92 3.94
C THR A 317 -18.67 0.95 5.06
N ILE A 318 -19.16 1.11 6.29
CA ILE A 318 -18.29 1.23 7.45
C ILE A 318 -17.48 -0.03 7.69
N SER A 319 -18.14 -1.19 7.67
CA SER A 319 -17.46 -2.45 7.90
C SER A 319 -16.39 -2.73 6.85
N ASN A 320 -16.74 -2.53 5.58
CA ASN A 320 -15.81 -2.79 4.48
C ASN A 320 -14.57 -1.90 4.52
N GLU A 321 -14.79 -0.60 4.70
CA GLU A 321 -13.69 0.36 4.75
C GLU A 321 -12.80 0.12 5.96
N GLN A 322 -13.42 -0.26 7.07
CA GLN A 322 -12.70 -0.57 8.31
C GLN A 322 -11.85 -1.82 8.14
N ARG A 323 -12.44 -2.85 7.52
CA ARG A 323 -11.74 -4.11 7.30
C ARG A 323 -10.53 -3.95 6.41
N ALA A 324 -10.73 -3.31 5.27
CA ALA A 324 -9.66 -3.08 4.30
C ALA A 324 -8.54 -2.24 4.91
N SER A 325 -8.92 -1.40 5.88
CA SER A 325 -7.96 -0.54 6.56
C SER A 325 -7.09 -1.35 7.53
N LYS A 326 -7.71 -2.27 8.25
CA LYS A 326 -7.01 -3.07 9.25
C LYS A 326 -5.98 -4.01 8.62
N VAL A 327 -6.37 -4.71 7.56
CA VAL A 327 -5.46 -5.68 6.96
C VAL A 327 -4.31 -4.98 6.25
N LEU A 328 -4.59 -3.84 5.63
CA LEU A 328 -3.55 -3.08 4.94
C LEU A 328 -2.51 -2.56 5.94
N GLY A 329 -2.97 -2.25 7.15
CA GLY A 329 -2.09 -1.77 8.20
C GLY A 329 -1.16 -2.86 8.69
N ILE A 330 -1.70 -4.05 8.90
CA ILE A 330 -0.94 -5.17 9.44
C ILE A 330 0.16 -5.63 8.47
N VAL A 331 -0.17 -5.74 7.19
CA VAL A 331 0.81 -6.18 6.21
C VAL A 331 1.88 -5.12 5.98
N PHE A 332 1.49 -3.85 6.05
CA PHE A 332 2.45 -2.77 5.90
C PHE A 332 3.28 -2.61 7.16
N PHE A 333 2.74 -3.08 8.28
CA PHE A 333 3.44 -3.05 9.55
C PHE A 333 4.56 -4.09 9.56
N LEU A 334 4.24 -5.28 9.07
CA LEU A 334 5.22 -6.37 9.00
C LEU A 334 6.38 -6.03 8.07
N PHE A 335 6.06 -5.36 6.96
CA PHE A 335 7.09 -4.92 6.03
C PHE A 335 8.11 -4.03 6.71
N LEU A 336 7.60 -2.99 7.37
CA LEU A 336 8.44 -2.02 8.06
C LEU A 336 9.18 -2.67 9.23
N LEU A 337 8.50 -3.56 9.92
CA LEU A 337 9.06 -4.21 11.10
C LEU A 337 10.26 -5.08 10.77
N MET A 338 10.24 -5.71 9.61
CA MET A 338 11.34 -6.57 9.19
C MET A 338 12.49 -5.77 8.59
N TRP A 339 12.21 -4.55 8.18
CA TRP A 339 13.25 -3.65 7.70
C TRP A 339 13.86 -2.85 8.84
N CYS A 340 13.21 -2.89 9.99
CA CYS A 340 13.71 -2.20 11.18
C CYS A 340 15.09 -2.65 11.67
N PRO A 341 15.34 -3.97 11.79
CA PRO A 341 16.65 -4.34 12.33
C PRO A 341 17.83 -3.89 11.48
N PHE A 342 17.65 -3.77 10.17
CA PHE A 342 18.73 -3.35 9.29
C PHE A 342 19.04 -1.86 9.41
N PHE A 343 18.00 -1.02 9.27
CA PHE A 343 18.22 0.42 9.23
C PHE A 343 18.58 0.99 10.60
N ILE A 344 18.09 0.36 11.67
CA ILE A 344 18.48 0.76 13.01
C ILE A 344 19.96 0.44 13.25
N THR A 345 20.39 -0.72 12.79
CA THR A 345 21.78 -1.13 12.88
C THR A 345 22.68 -0.22 12.05
N ASN A 346 22.22 0.08 10.82
CA ASN A 346 22.96 0.94 9.90
C ASN A 346 23.16 2.35 10.48
N ILE A 347 22.18 2.83 11.22
CA ILE A 347 22.26 4.14 11.85
C ILE A 347 23.25 4.13 13.02
N THR A 348 23.13 3.12 13.88
CA THR A 348 24.00 3.00 15.03
C THR A 348 25.45 2.75 14.63
N LEU A 349 25.65 2.25 13.41
CA LEU A 349 26.99 2.02 12.90
C LEU A 349 27.69 3.36 12.65
N VAL A 350 26.90 4.39 12.40
CA VAL A 350 27.43 5.72 12.13
C VAL A 350 27.48 6.58 13.40
N LEU A 351 26.60 6.28 14.35
CA LEU A 351 26.46 7.13 15.54
C LEU A 351 27.11 6.55 16.79
N CYS A 352 27.50 5.28 16.74
CA CYS A 352 28.18 4.65 17.87
C CYS A 352 29.66 4.40 17.54
N ASP A 353 30.54 4.87 18.40
CA ASP A 353 31.98 4.70 18.20
C ASP A 353 32.57 3.73 19.21
N SER A 354 31.71 3.14 20.02
CA SER A 354 32.14 2.15 21.01
C SER A 354 31.92 0.73 20.48
N CYS A 355 30.95 0.60 19.58
CA CYS A 355 30.56 -0.70 19.05
C CYS A 355 31.61 -1.24 18.08
N ASN A 356 31.86 -2.54 18.15
CA ASN A 356 32.78 -3.19 17.23
C ASN A 356 32.24 -3.23 15.82
N GLN A 357 32.80 -2.41 14.94
CA GLN A 357 32.35 -2.30 13.55
C GLN A 357 32.40 -3.64 12.82
N THR A 358 33.40 -4.45 13.13
CA THR A 358 33.57 -5.76 12.50
C THR A 358 32.32 -6.63 12.69
N THR A 359 31.89 -6.79 13.93
CA THR A 359 30.73 -7.62 14.24
C THR A 359 29.42 -6.88 13.96
N LEU A 360 29.48 -5.55 13.98
CA LEU A 360 28.32 -4.74 13.64
C LEU A 360 28.07 -4.77 12.14
N GLN A 361 29.07 -5.22 11.39
CA GLN A 361 28.93 -5.42 9.95
C GLN A 361 28.34 -6.78 9.67
N MET A 362 28.65 -7.75 10.54
CA MET A 362 28.12 -9.10 10.42
C MET A 362 26.60 -9.09 10.57
N LEU A 363 26.11 -8.28 11.49
CA LEU A 363 24.67 -8.15 11.70
C LEU A 363 24.00 -7.49 10.49
N LEU A 364 24.70 -6.53 9.89
CA LEU A 364 24.19 -5.89 8.67
C LEU A 364 24.02 -6.92 7.55
N GLU A 365 25.02 -7.77 7.37
CA GLU A 365 25.00 -8.78 6.32
C GLU A 365 23.91 -9.83 6.55
N ILE A 366 23.40 -9.88 7.78
CA ILE A 366 22.31 -10.79 8.10
C ILE A 366 20.95 -10.11 8.01
N PHE A 367 20.84 -8.94 8.64
CA PHE A 367 19.59 -8.19 8.69
C PHE A 367 19.10 -7.77 7.31
N VAL A 368 20.02 -7.69 6.35
CA VAL A 368 19.68 -7.30 4.99
C VAL A 368 18.78 -8.35 4.33
N TRP A 369 18.87 -9.59 4.80
CA TRP A 369 18.08 -10.69 4.22
C TRP A 369 16.70 -10.76 4.85
N ILE A 370 16.55 -10.20 6.04
CA ILE A 370 15.24 -10.07 6.66
C ILE A 370 14.47 -8.97 5.92
N GLY A 371 15.20 -7.98 5.44
CA GLY A 371 14.62 -6.90 4.66
C GLY A 371 14.32 -7.33 3.25
N TYR A 372 15.24 -8.05 2.64
CA TYR A 372 15.08 -8.56 1.28
C TYR A 372 13.80 -9.38 1.14
N VAL A 373 13.64 -10.38 2.01
CA VAL A 373 12.46 -11.22 1.99
C VAL A 373 11.21 -10.41 2.38
N SER A 374 11.41 -9.32 3.14
CA SER A 374 10.29 -8.46 3.49
C SER A 374 9.80 -7.73 2.25
N SER A 375 10.73 -7.21 1.46
CA SER A 375 10.38 -6.52 0.22
C SER A 375 9.93 -7.52 -0.85
N GLY A 376 10.63 -8.66 -0.92
CA GLY A 376 10.39 -9.65 -1.94
C GLY A 376 9.00 -10.25 -1.98
N VAL A 377 8.49 -10.67 -0.82
CA VAL A 377 7.20 -11.33 -0.77
C VAL A 377 6.06 -10.36 -0.45
N ASN A 378 6.39 -9.07 -0.37
CA ASN A 378 5.42 -8.05 0.05
C ASN A 378 4.22 -7.88 -0.89
N PRO A 379 4.45 -7.77 -2.21
CA PRO A 379 3.26 -7.63 -3.08
C PRO A 379 2.40 -8.89 -3.09
N LEU A 380 3.01 -10.06 -2.97
CA LEU A 380 2.27 -11.31 -2.92
C LEU A 380 1.33 -11.34 -1.73
N VAL A 381 1.90 -11.14 -0.54
CA VAL A 381 1.12 -11.11 0.70
C VAL A 381 -0.01 -10.09 0.62
N TYR A 382 0.25 -8.96 -0.02
CA TYR A 382 -0.74 -7.90 -0.16
C TYR A 382 -1.88 -8.29 -1.10
N THR A 383 -1.53 -8.78 -2.27
CA THR A 383 -2.50 -9.13 -3.30
C THR A 383 -3.33 -10.37 -2.98
N LEU A 384 -2.87 -11.17 -2.03
CA LEU A 384 -3.53 -12.43 -1.70
C LEU A 384 -4.86 -12.22 -0.97
N PHE A 385 -5.09 -11.01 -0.45
CA PHE A 385 -6.35 -10.70 0.21
C PHE A 385 -7.38 -10.25 -0.81
N ASN A 386 -6.96 -10.16 -2.07
CA ASN A 386 -7.86 -9.88 -3.17
C ASN A 386 -8.20 -11.18 -3.90
N LYS A 387 -9.50 -11.45 -4.05
CA LYS A 387 -9.95 -12.73 -4.58
C LYS A 387 -9.57 -12.93 -6.04
N THR A 388 -9.65 -11.87 -6.83
CA THR A 388 -9.33 -11.93 -8.25
C THR A 388 -7.86 -12.28 -8.45
N PHE A 389 -7.00 -11.67 -7.66
CA PHE A 389 -5.57 -12.01 -7.66
C PHE A 389 -5.35 -13.44 -7.21
N ARG A 390 -5.98 -13.79 -6.09
CA ARG A 390 -5.79 -15.10 -5.48
C ARG A 390 -6.23 -16.23 -6.40
N ASP A 391 -7.34 -16.03 -7.11
CA ASP A 391 -7.82 -17.02 -8.06
C ASP A 391 -6.93 -17.05 -9.29
N ALA A 392 -6.37 -15.91 -9.65
CA ALA A 392 -5.48 -15.81 -10.80
C ALA A 392 -4.19 -16.59 -10.52
N PHE A 393 -3.68 -16.44 -9.31
CA PHE A 393 -2.47 -17.13 -8.88
C PHE A 393 -2.66 -18.64 -8.98
N GLY A 394 -3.79 -19.11 -8.45
CA GLY A 394 -4.10 -20.53 -8.45
C GLY A 394 -4.11 -21.15 -9.84
N ARG A 395 -4.46 -20.35 -10.84
CA ARG A 395 -4.49 -20.84 -12.21
C ARG A 395 -3.09 -20.80 -12.83
N TYR A 396 -2.28 -19.85 -12.37
CA TYR A 396 -0.92 -19.68 -12.87
C TYR A 396 0.01 -20.78 -12.37
N ILE A 397 -0.12 -21.12 -11.09
CA ILE A 397 0.71 -22.16 -10.49
C ILE A 397 0.36 -23.54 -11.05
N THR A 398 -0.79 -23.65 -11.71
CA THR A 398 -1.18 -24.88 -12.38
C THR A 398 -0.93 -24.77 -13.88
N CYS A 399 -0.24 -23.71 -14.27
CA CYS A 399 0.15 -23.48 -15.66
C CYS A 399 -1.06 -23.38 -16.59
N ASN A 400 -2.02 -22.53 -16.23
CA ASN A 400 -3.22 -22.35 -17.02
C ASN A 400 -3.42 -20.92 -17.49
N TYR A 401 -3.37 -20.71 -18.80
CA TYR A 401 -3.56 -19.39 -19.40
C TYR A 401 -4.52 -19.45 -20.59
N ARG A 402 -5.65 -18.75 -20.48
CA ARG A 402 -6.62 -18.67 -21.56
C ARG A 402 -7.60 -17.53 -21.32
N1 7LD B . 19.43 3.52 1.92
N3 7LD B . 24.56 -4.08 2.12
C4 7LD B . 21.67 3.78 2.86
C5 7LD B . 22.84 3.08 3.16
C6 7LD B . 21.82 1.12 2.26
C7 7LD B . 19.63 1.41 1.49
C8 7LD B . 18.80 2.45 1.42
C10 7LD B . 22.97 -0.99 1.98
C13 7LD B . 21.60 -2.94 1.94
C15 7LD B . 19.51 0.07 1.10
C17 7LD B . 24.36 -4.64 0.77
C20 7LD B . 24.82 -5.75 3.92
N2 7LD B . 20.61 -2.16 1.19
C12 7LD B . 19.29 -2.80 1.34
C11 7LD B . 20.53 -0.84 1.82
C3 7LD B . 20.74 1.86 2.04
C1 7LD B . 20.65 3.15 2.30
C2 7LD B . 22.92 1.73 2.85
C9 7LD B . 21.79 -0.23 1.95
C14 7LD B . 23.00 -2.36 1.72
C16 7LD B . 23.91 -2.98 2.58
O1 7LD B . 24.10 -2.53 3.71
C19 7LD B . 25.54 -4.80 2.95
C18 7LD B . 25.68 -4.54 0.02
C1 CLR C . 6.25 -19.00 -13.59
C2 CLR C . 4.77 -18.97 -13.90
C3 CLR C . 4.14 -20.28 -13.48
C4 CLR C . 4.18 -20.33 -11.97
C5 CLR C . 5.58 -20.15 -11.45
C6 CLR C . 5.93 -20.83 -10.34
C7 CLR C . 7.35 -21.23 -10.03
C8 CLR C . 8.33 -20.20 -10.58
C9 CLR C . 7.97 -19.80 -12.01
C10 CLR C . 6.56 -19.20 -12.11
C11 CLR C . 9.02 -18.87 -12.64
C12 CLR C . 10.45 -19.40 -12.52
C13 CLR C . 10.75 -19.74 -11.07
C14 CLR C . 9.75 -20.76 -10.60
C15 CLR C . 10.33 -21.32 -9.31
C16 CLR C . 11.84 -21.24 -9.53
C17 CLR C . 12.07 -20.46 -10.82
C18 CLR C . 10.69 -18.48 -10.20
C19 CLR C . 6.50 -17.86 -11.37
C20 CLR C . 13.28 -19.53 -10.78
C21 CLR C . 14.15 -19.75 -12.01
C22 CLR C . 14.08 -19.69 -9.49
C23 CLR C . 15.48 -19.10 -9.61
C24 CLR C . 16.55 -20.16 -9.33
C25 CLR C . 17.69 -19.64 -8.46
C26 CLR C . 19.03 -20.14 -8.97
C27 CLR C . 17.71 -18.11 -8.34
O1 CLR C . 2.79 -20.33 -13.93
C10 OLC D . 3.95 4.08 17.09
C9 OLC D . 3.33 3.11 16.43
C11 OLC D . 3.16 5.28 17.57
C8 OLC D . 1.84 3.23 16.19
C24 OLC D . -3.15 3.62 5.33
C12 OLC D . 3.03 5.23 19.09
C7 OLC D . 1.55 3.46 14.71
C6 OLC D . 1.53 2.16 13.91
C5 OLC D . 1.92 2.44 12.47
C4 OLC D . 1.64 1.27 11.53
C3 OLC D . 1.74 1.74 10.08
C2 OLC D . 0.97 0.84 9.13
C21 OLC D . -1.17 2.98 6.70
C1 OLC D . 0.55 1.65 7.92
C22 OLC D . -2.69 3.14 6.71
O19 OLC D . 1.31 1.78 6.97
O25 OLC D . -4.58 3.52 5.24
O23 OLC D . -3.29 1.88 7.00
O20 OLC D . -0.77 2.26 7.86
C1 PEG E . -5.74 -6.36 -0.51
O1 PEG E . -6.82 -5.64 0.10
C2 PEG E . -4.99 -5.69 -1.70
O2 PEG E . -5.64 -5.45 -2.79
C3 PEG E . -4.92 -5.06 -3.98
C4 PEG E . -5.71 -4.96 -5.29
O4 PEG E . -6.82 -4.18 -5.28
P PO4 F . -24.80 3.76 -7.97
O1 PO4 F . -25.22 3.93 -9.41
O2 PO4 F . -25.56 4.73 -7.09
O3 PO4 F . -25.09 2.35 -7.52
O4 PO4 F . -23.31 4.03 -7.84
#